data_2AAW
#
_entry.id   2AAW
#
_cell.length_a   61.170
_cell.length_b   69.990
_cell.length_c   123.690
_cell.angle_alpha   90.00
_cell.angle_beta   90.00
_cell.angle_gamma   90.00
#
_symmetry.space_group_name_H-M   'P 21 21 21'
#
loop_
_entity.id
_entity.type
_entity.pdbx_description
1 polymer 'glutathione s-transferase'
2 non-polymer S-HEXYLGLUTATHIONE
3 non-polymer 3,6,9,12,15,18-HEXAOXAICOSANE-1,20-DIOL
4 non-polymer L-TREITOL
5 water water
#
_entity_poly.entity_id   1
_entity_poly.type   'polypeptide(L)'
_entity_poly.pdbx_seq_one_letter_code
;RGSHHHHHHGSMGDNIVLYYFDARGKAELIRLIFAYLGIEYTDKRFGVNGDAFVEFKNFKKEKDTPFEQVPILQIGDLIL
AQSQAIVRYLSKKYNICGESELNEFYADMIFCGVQDIHYKFNNTNLFKQNETTFLNEDLPKWSGYFEKLLKKNHTNNNND
KYYFVGNNLTYADLAVFNLYDDIETKYPSSLKNFPLLKAHNEFISNLPNIKNYITNRKESVY
;
_entity_poly.pdbx_strand_id   A,C
#
# COMPACT_ATOMS: atom_id res chain seq x y z
N MET A 12 22.81 -0.37 -24.29
CA MET A 12 23.14 -1.13 -23.05
C MET A 12 21.87 -1.60 -22.34
N GLY A 13 21.06 -0.64 -21.91
CA GLY A 13 19.82 -0.97 -21.22
C GLY A 13 18.61 -0.25 -21.79
N ASP A 14 17.71 0.19 -20.91
CA ASP A 14 16.49 0.89 -21.32
C ASP A 14 16.38 2.26 -20.67
N ASN A 15 15.92 3.25 -21.44
CA ASN A 15 15.75 4.59 -20.93
C ASN A 15 14.72 4.62 -19.81
N ILE A 16 15.02 5.36 -18.76
CA ILE A 16 14.13 5.47 -17.63
C ILE A 16 13.53 6.86 -17.57
N VAL A 17 12.21 6.94 -17.57
CA VAL A 17 11.54 8.22 -17.50
C VAL A 17 10.47 8.18 -16.41
N LEU A 18 10.51 9.17 -15.52
CA LEU A 18 9.54 9.28 -14.43
C LEU A 18 8.61 10.45 -14.75
N TYR A 19 7.30 10.18 -14.79
CA TYR A 19 6.32 11.21 -15.07
C TYR A 19 5.52 11.58 -13.84
N TYR A 20 5.39 12.89 -13.59
CA TYR A 20 4.63 13.38 -12.46
C TYR A 20 4.45 14.88 -12.62
N PHE A 21 3.77 15.49 -11.66
CA PHE A 21 3.57 16.93 -11.69
C PHE A 21 4.82 17.58 -11.11
N ASP A 22 4.92 18.89 -11.24
CA ASP A 22 6.07 19.63 -10.74
C ASP A 22 5.93 19.78 -9.23
N ALA A 23 6.19 18.69 -8.53
CA ALA A 23 6.09 18.65 -7.09
C ALA A 23 6.80 17.42 -6.56
N ARG A 24 6.96 17.36 -5.25
CA ARG A 24 7.61 16.22 -4.64
C ARG A 24 6.56 15.12 -4.53
N GLY A 25 5.51 15.40 -3.76
CA GLY A 25 4.42 14.48 -3.57
C GLY A 25 4.71 12.99 -3.53
N LYS A 26 4.02 12.24 -4.38
CA LYS A 26 4.15 10.80 -4.43
C LYS A 26 5.28 10.26 -5.29
N ALA A 27 6.10 11.15 -5.85
CA ALA A 27 7.21 10.73 -6.69
C ALA A 27 8.57 10.98 -6.05
N GLU A 28 8.59 11.73 -4.96
CA GLU A 28 9.86 12.06 -4.29
C GLU A 28 10.63 10.84 -3.78
N LEU A 29 9.95 9.91 -3.11
CA LEU A 29 10.65 8.73 -2.62
C LEU A 29 11.34 8.02 -3.76
N ILE A 30 10.67 7.93 -4.91
CA ILE A 30 11.27 7.27 -6.07
C ILE A 30 12.51 8.05 -6.53
N ARG A 31 12.41 9.37 -6.59
CA ARG A 31 13.54 10.20 -6.98
C ARG A 31 14.69 10.03 -5.98
N LEU A 32 14.35 9.90 -4.70
CA LEU A 32 15.37 9.71 -3.67
C LEU A 32 16.08 8.40 -3.87
N ILE A 33 15.33 7.38 -4.28
CA ILE A 33 15.91 6.06 -4.51
C ILE A 33 16.85 6.11 -5.71
N PHE A 34 16.45 6.83 -6.76
CA PHE A 34 17.29 6.97 -7.94
C PHE A 34 18.56 7.76 -7.59
N ALA A 35 18.42 8.79 -6.77
CA ALA A 35 19.57 9.59 -6.38
C ALA A 35 20.53 8.72 -5.58
N TYR A 36 20.02 8.06 -4.55
CA TYR A 36 20.82 7.21 -3.71
C TYR A 36 21.56 6.12 -4.49
N LEU A 37 20.89 5.55 -5.48
CA LEU A 37 21.49 4.50 -6.29
C LEU A 37 22.42 5.06 -7.38
N GLY A 38 22.27 6.36 -7.68
CA GLY A 38 23.10 6.96 -8.71
C GLY A 38 22.64 6.51 -10.07
N ILE A 39 21.33 6.28 -10.20
CA ILE A 39 20.72 5.83 -11.45
C ILE A 39 20.28 7.01 -12.32
N GLU A 40 20.63 6.98 -13.60
CA GLU A 40 20.25 8.06 -14.52
C GLU A 40 18.84 7.85 -15.07
N TYR A 41 18.10 8.96 -15.22
CA TYR A 41 16.74 8.89 -15.72
C TYR A 41 16.26 10.30 -16.02
N THR A 42 15.24 10.40 -16.86
CA THR A 42 14.65 11.68 -17.22
C THR A 42 13.52 12.01 -16.24
N ASP A 43 13.69 13.09 -15.48
CA ASP A 43 12.69 13.51 -14.52
C ASP A 43 11.67 14.43 -15.20
N LYS A 44 10.69 13.82 -15.86
CA LYS A 44 9.64 14.57 -16.57
C LYS A 44 8.68 15.21 -15.59
N ARG A 45 8.46 16.51 -15.73
CA ARG A 45 7.56 17.24 -14.83
C ARG A 45 6.52 18.08 -15.55
N PHE A 46 5.25 17.73 -15.39
CA PHE A 46 4.17 18.48 -16.02
C PHE A 46 4.16 19.92 -15.51
N GLY A 47 4.02 20.87 -16.43
CA GLY A 47 3.97 22.27 -16.05
C GLY A 47 5.26 23.05 -16.08
N VAL A 48 6.40 22.37 -15.96
CA VAL A 48 7.68 23.06 -15.96
C VAL A 48 7.93 23.76 -17.30
N ASN A 49 7.62 23.07 -18.40
CA ASN A 49 7.79 23.64 -19.72
C ASN A 49 6.44 24.14 -20.23
N GLY A 50 5.55 23.19 -20.53
CA GLY A 50 4.22 23.56 -21.00
C GLY A 50 3.30 23.81 -19.83
N ASP A 51 2.01 23.63 -20.04
CA ASP A 51 1.03 23.82 -18.97
C ASP A 51 0.64 22.47 -18.39
N ALA A 52 1.02 22.24 -17.13
CA ALA A 52 0.76 20.99 -16.43
C ALA A 52 -0.57 20.31 -16.80
N PHE A 53 -1.65 21.08 -16.85
CA PHE A 53 -2.95 20.53 -17.17
C PHE A 53 -2.94 19.91 -18.58
N VAL A 54 -2.47 20.69 -19.56
CA VAL A 54 -2.41 20.24 -20.94
C VAL A 54 -1.44 19.07 -21.14
N GLU A 55 -0.26 19.18 -20.53
CA GLU A 55 0.73 18.11 -20.63
C GLU A 55 0.17 16.81 -20.10
N PHE A 56 -0.50 16.89 -18.95
CA PHE A 56 -1.10 15.74 -18.31
C PHE A 56 -2.14 15.10 -19.25
N LYS A 57 -3.00 15.92 -19.84
CA LYS A 57 -4.02 15.41 -20.74
C LYS A 57 -3.39 14.69 -21.93
N ASN A 58 -2.38 15.31 -22.53
CA ASN A 58 -1.69 14.72 -23.67
C ASN A 58 -1.01 13.44 -23.25
N PHE A 59 -0.46 13.45 -22.03
CA PHE A 59 0.23 12.29 -21.51
C PHE A 59 -0.66 11.04 -21.49
N LYS A 60 -1.86 11.17 -20.94
CA LYS A 60 -2.79 10.04 -20.87
C LYS A 60 -3.24 9.52 -22.23
N LYS A 61 -3.09 10.32 -23.28
CA LYS A 61 -3.49 9.90 -24.62
C LYS A 61 -2.30 9.19 -25.26
N GLU A 62 -1.10 9.62 -24.88
CA GLU A 62 0.14 9.05 -25.42
C GLU A 62 0.54 7.74 -24.73
N LYS A 63 0.29 7.64 -23.43
CA LYS A 63 0.66 6.45 -22.68
C LYS A 63 -0.56 5.68 -22.17
N ASP A 64 -0.53 4.37 -22.31
CA ASP A 64 -1.61 3.55 -21.83
C ASP A 64 -1.41 3.26 -20.34
N THR A 65 -2.03 4.08 -19.49
CA THR A 65 -1.89 3.89 -18.06
C THR A 65 -3.07 3.09 -17.50
N PRO A 66 -2.80 2.22 -16.53
CA PRO A 66 -3.83 1.38 -15.90
C PRO A 66 -4.93 2.12 -15.16
N PHE A 67 -4.59 3.21 -14.48
CA PHE A 67 -5.58 3.94 -13.70
C PHE A 67 -5.67 5.43 -13.98
N GLU A 68 -5.00 5.88 -15.05
CA GLU A 68 -5.01 7.29 -15.43
C GLU A 68 -4.49 8.21 -14.31
N GLN A 69 -3.48 7.72 -13.58
CA GLN A 69 -2.88 8.50 -12.50
C GLN A 69 -1.36 8.47 -12.64
N VAL A 70 -0.70 9.42 -11.99
CA VAL A 70 0.75 9.48 -11.97
C VAL A 70 1.06 9.46 -10.48
N PRO A 71 2.31 9.15 -10.09
CA PRO A 71 3.46 8.80 -10.92
C PRO A 71 3.34 7.58 -11.83
N ILE A 72 4.20 7.57 -12.85
CA ILE A 72 4.31 6.50 -13.81
C ILE A 72 5.80 6.40 -14.10
N LEU A 73 6.34 5.21 -13.97
CA LEU A 73 7.76 5.04 -14.25
C LEU A 73 7.84 4.27 -15.56
N GLN A 74 8.60 4.80 -16.50
CA GLN A 74 8.74 4.14 -17.77
C GLN A 74 10.16 3.63 -17.94
N ILE A 75 10.26 2.32 -18.12
CA ILE A 75 11.54 1.67 -18.31
C ILE A 75 11.48 1.01 -19.68
N GLY A 76 12.15 1.63 -20.66
CA GLY A 76 12.12 1.10 -21.99
C GLY A 76 10.66 1.15 -22.43
N ASP A 77 10.08 -0.01 -22.72
CA ASP A 77 8.69 -0.06 -23.13
C ASP A 77 7.73 -0.23 -21.95
N LEU A 78 8.24 -0.75 -20.84
CA LEU A 78 7.44 -0.97 -19.64
C LEU A 78 6.84 0.27 -19.02
N ILE A 79 5.55 0.19 -18.70
CA ILE A 79 4.84 1.26 -18.05
C ILE A 79 4.49 0.77 -16.65
N LEU A 80 5.03 1.44 -15.63
CA LEU A 80 4.78 1.06 -14.23
C LEU A 80 3.99 2.14 -13.50
N ALA A 81 2.90 1.73 -12.86
CA ALA A 81 2.03 2.65 -12.12
C ALA A 81 1.96 2.29 -10.62
N GLN A 82 1.42 3.23 -9.83
CA GLN A 82 1.27 3.08 -8.38
C GLN A 82 2.62 3.22 -7.65
N SER A 83 2.86 4.42 -7.10
CA SER A 83 4.10 4.75 -6.42
C SER A 83 4.67 3.75 -5.43
N GLN A 84 3.80 3.11 -4.65
CA GLN A 84 4.27 2.14 -3.66
C GLN A 84 4.74 0.85 -4.30
N ALA A 85 4.05 0.42 -5.36
CA ALA A 85 4.44 -0.80 -6.04
C ALA A 85 5.77 -0.55 -6.75
N ILE A 86 5.93 0.67 -7.29
CA ILE A 86 7.15 1.06 -7.96
C ILE A 86 8.31 1.04 -6.98
N VAL A 87 8.12 1.67 -5.83
CA VAL A 87 9.15 1.69 -4.80
C VAL A 87 9.56 0.27 -4.39
N ARG A 88 8.60 -0.62 -4.22
CA ARG A 88 8.92 -1.99 -3.84
C ARG A 88 9.62 -2.75 -4.97
N TYR A 89 9.22 -2.49 -6.20
CA TYR A 89 9.85 -3.16 -7.34
C TYR A 89 11.31 -2.72 -7.48
N LEU A 90 11.54 -1.41 -7.42
CA LEU A 90 12.89 -0.88 -7.53
C LEU A 90 13.78 -1.36 -6.39
N SER A 91 13.21 -1.45 -5.19
CA SER A 91 13.99 -1.88 -4.04
C SER A 91 14.43 -3.34 -4.14
N LYS A 92 13.63 -4.18 -4.78
CA LYS A 92 14.00 -5.59 -4.96
C LYS A 92 15.07 -5.69 -6.04
N LYS A 93 14.83 -4.99 -7.14
CA LYS A 93 15.73 -5.01 -8.28
C LYS A 93 17.10 -4.42 -7.96
N TYR A 94 17.14 -3.53 -6.98
CA TYR A 94 18.38 -2.88 -6.61
C TYR A 94 18.87 -3.21 -5.22
N ASN A 95 18.35 -4.30 -4.66
CA ASN A 95 18.75 -4.78 -3.35
C ASN A 95 18.81 -3.80 -2.17
N ILE A 96 17.79 -2.96 -2.02
CA ILE A 96 17.72 -2.07 -0.87
C ILE A 96 16.41 -2.42 -0.15
N CYS A 97 16.09 -3.70 -0.21
CA CYS A 97 14.89 -4.23 0.43
C CYS A 97 15.40 -5.06 1.61
N GLY A 98 14.50 -5.52 2.46
CA GLY A 98 14.96 -6.36 3.56
C GLY A 98 15.53 -7.58 2.86
N GLU A 99 16.68 -8.08 3.31
CA GLU A 99 17.27 -9.24 2.64
C GLU A 99 16.55 -10.53 2.98
N SER A 100 16.29 -10.76 4.27
CA SER A 100 15.59 -11.96 4.67
C SER A 100 14.10 -11.72 4.44
N GLU A 101 13.31 -12.79 4.43
CA GLU A 101 11.87 -12.65 4.22
C GLU A 101 11.25 -11.81 5.33
N LEU A 102 11.64 -12.09 6.56
CA LEU A 102 11.12 -11.37 7.70
C LEU A 102 11.55 -9.91 7.69
N ASN A 103 12.81 -9.63 7.37
CA ASN A 103 13.29 -8.26 7.33
C ASN A 103 12.58 -7.45 6.24
N GLU A 104 12.28 -8.08 5.11
CA GLU A 104 11.57 -7.38 4.06
C GLU A 104 10.19 -7.03 4.59
N PHE A 105 9.63 -7.90 5.43
CA PHE A 105 8.33 -7.62 6.00
C PHE A 105 8.41 -6.39 6.89
N TYR A 106 9.45 -6.31 7.72
CA TYR A 106 9.60 -5.17 8.61
C TYR A 106 9.76 -3.86 7.84
N ALA A 107 10.51 -3.90 6.74
CA ALA A 107 10.71 -2.71 5.91
C ALA A 107 9.37 -2.29 5.30
N ASP A 108 8.59 -3.28 4.89
CA ASP A 108 7.29 -3.07 4.29
C ASP A 108 6.33 -2.48 5.35
N MET A 109 6.25 -3.12 6.51
CA MET A 109 5.38 -2.65 7.59
C MET A 109 5.67 -1.20 7.97
N ILE A 110 6.96 -0.84 8.05
CA ILE A 110 7.33 0.51 8.41
C ILE A 110 6.91 1.49 7.32
N PHE A 111 7.04 1.06 6.07
CA PHE A 111 6.68 1.90 4.94
C PHE A 111 5.16 2.16 4.94
N CYS A 112 4.35 1.17 5.27
CA CYS A 112 2.92 1.42 5.27
C CYS A 112 2.56 2.29 6.48
N GLY A 113 3.37 2.20 7.52
CA GLY A 113 3.15 3.02 8.70
C GLY A 113 3.38 4.46 8.30
N VAL A 114 4.42 4.67 7.48
CA VAL A 114 4.74 6.01 6.99
C VAL A 114 3.56 6.55 6.17
N GLN A 115 2.93 5.69 5.37
CA GLN A 115 1.80 6.13 4.58
C GLN A 115 0.62 6.59 5.45
N ASP A 116 0.37 5.87 6.54
CA ASP A 116 -0.72 6.21 7.45
C ASP A 116 -0.57 7.64 7.96
N ILE A 117 0.61 7.99 8.46
CA ILE A 117 0.82 9.32 9.00
C ILE A 117 1.05 10.37 7.90
N HIS A 118 1.55 9.94 6.75
CA HIS A 118 1.79 10.87 5.65
C HIS A 118 0.43 11.29 5.13
N TYR A 119 -0.50 10.35 5.10
CA TYR A 119 -1.87 10.60 4.67
C TYR A 119 -2.49 11.73 5.50
N LYS A 120 -2.25 11.68 6.81
CA LYS A 120 -2.78 12.69 7.72
C LYS A 120 -2.12 14.05 7.53
N PHE A 121 -0.85 14.03 7.15
CA PHE A 121 -0.17 15.29 6.90
C PHE A 121 -0.77 15.93 5.66
N ASN A 122 -1.04 15.11 4.64
CA ASN A 122 -1.61 15.63 3.40
C ASN A 122 -2.94 16.33 3.61
N ASN A 123 -3.78 15.77 4.47
CA ASN A 123 -5.07 16.39 4.72
C ASN A 123 -4.94 17.78 5.33
N THR A 124 -3.85 18.04 6.03
CA THR A 124 -3.61 19.34 6.64
C THR A 124 -2.80 20.24 5.71
N ASN A 125 -1.68 19.71 5.22
CA ASN A 125 -0.78 20.44 4.33
C ASN A 125 -1.40 20.84 3.00
N LEU A 126 -2.22 19.98 2.43
CA LEU A 126 -2.83 20.27 1.13
C LEU A 126 -4.33 20.55 1.13
N PHE A 127 -5.11 19.69 1.76
CA PHE A 127 -6.56 19.85 1.80
C PHE A 127 -7.00 20.59 3.04
N LYS A 128 -6.07 21.40 3.55
CA LYS A 128 -6.25 22.23 4.73
C LYS A 128 -7.23 21.78 5.81
N GLN A 129 -7.09 20.54 6.27
CA GLN A 129 -7.95 20.02 7.33
C GLN A 129 -7.49 20.64 8.65
N ASN A 130 -7.89 20.05 9.78
CA ASN A 130 -7.50 20.60 11.07
C ASN A 130 -6.01 20.43 11.33
N GLU A 131 -5.33 21.55 11.49
CA GLU A 131 -3.89 21.59 11.73
C GLU A 131 -3.47 21.22 13.15
N THR A 132 -4.36 21.47 14.12
CA THR A 132 -4.02 21.16 15.51
C THR A 132 -4.14 19.68 15.83
N THR A 133 -5.13 19.00 15.24
CA THR A 133 -5.30 17.58 15.50
C THR A 133 -4.02 16.87 15.08
N PHE A 134 -3.54 17.21 13.89
CA PHE A 134 -2.32 16.61 13.36
C PHE A 134 -1.13 16.88 14.28
N LEU A 135 -0.95 18.15 14.65
CA LEU A 135 0.15 18.56 15.50
C LEU A 135 0.15 18.05 16.93
N ASN A 136 -1.03 17.94 17.54
CA ASN A 136 -1.12 17.51 18.92
C ASN A 136 -1.42 16.03 19.17
N GLU A 137 -2.08 15.39 18.22
CA GLU A 137 -2.44 13.99 18.41
C GLU A 137 -1.73 13.01 17.49
N ASP A 138 -1.65 13.35 16.20
CA ASP A 138 -1.04 12.44 15.24
C ASP A 138 0.48 12.44 15.25
N LEU A 139 1.08 13.56 14.85
CA LEU A 139 2.51 13.69 14.76
C LEU A 139 3.33 13.22 15.97
N PRO A 140 3.02 13.71 17.18
CA PRO A 140 3.79 13.27 18.35
C PRO A 140 3.69 11.75 18.55
N LYS A 141 2.47 11.24 18.41
CA LYS A 141 2.22 9.82 18.59
C LYS A 141 2.99 8.94 17.62
N TRP A 142 2.93 9.27 16.33
CA TRP A 142 3.63 8.47 15.33
C TRP A 142 5.15 8.60 15.42
N SER A 143 5.63 9.79 15.76
CA SER A 143 7.07 9.99 15.91
C SER A 143 7.54 9.05 17.02
N GLY A 144 6.67 8.86 18.01
CA GLY A 144 6.98 7.98 19.12
C GLY A 144 7.06 6.53 18.66
N TYR A 145 6.18 6.14 17.75
CA TYR A 145 6.22 4.76 17.26
C TYR A 145 7.52 4.50 16.51
N PHE A 146 7.91 5.45 15.66
CA PHE A 146 9.14 5.32 14.89
C PHE A 146 10.38 5.33 15.79
N GLU A 147 10.35 6.19 16.80
CA GLU A 147 11.43 6.32 17.76
C GLU A 147 11.62 4.97 18.48
N LYS A 148 10.50 4.36 18.85
CA LYS A 148 10.50 3.08 19.55
C LYS A 148 10.96 1.93 18.65
N LEU A 149 10.66 2.00 17.35
CA LEU A 149 11.09 0.96 16.43
C LEU A 149 12.61 1.06 16.23
N LEU A 150 13.14 2.28 16.31
CA LEU A 150 14.58 2.46 16.16
C LEU A 150 15.30 1.90 17.38
N LYS A 151 14.71 2.11 18.56
CA LYS A 151 15.30 1.61 19.79
C LYS A 151 15.44 0.09 19.75
N LYS A 152 14.39 -0.61 19.37
CA LYS A 152 14.40 -2.07 19.31
C LYS A 152 15.52 -2.59 18.40
N ASN A 153 15.67 -1.99 17.23
CA ASN A 153 16.72 -2.40 16.29
C ASN A 153 17.94 -1.51 16.49
N HIS A 154 18.48 -1.50 17.71
CA HIS A 154 19.63 -0.66 18.02
C HIS A 154 20.28 -1.08 19.34
N LYS A 161 25.39 5.59 12.33
CA LYS A 161 24.58 4.73 11.47
C LYS A 161 23.34 4.16 12.17
N TYR A 162 22.17 4.72 11.85
CA TYR A 162 20.92 4.26 12.43
C TYR A 162 20.04 3.71 11.32
N TYR A 163 19.63 2.46 11.45
CA TYR A 163 18.79 1.82 10.44
C TYR A 163 17.59 1.16 11.09
N PHE A 164 16.44 1.25 10.44
CA PHE A 164 15.24 0.63 10.98
C PHE A 164 15.29 -0.88 10.89
N VAL A 165 15.82 -1.38 9.76
CA VAL A 165 15.89 -2.82 9.50
C VAL A 165 17.29 -3.31 9.13
N GLY A 166 17.72 -4.38 9.80
CA GLY A 166 19.04 -4.93 9.54
C GLY A 166 20.13 -3.95 9.90
N ASN A 167 21.23 -4.01 9.18
CA ASN A 167 22.35 -3.11 9.43
C ASN A 167 22.73 -2.40 8.14
N ASN A 168 21.77 -2.37 7.22
CA ASN A 168 21.96 -1.75 5.92
C ASN A 168 20.80 -0.82 5.59
N LEU A 169 21.02 0.06 4.61
CA LEU A 169 20.01 1.00 4.17
C LEU A 169 18.90 0.25 3.43
N THR A 170 17.64 0.61 3.71
CA THR A 170 16.49 0.02 3.03
C THR A 170 15.59 1.18 2.62
N TYR A 171 14.68 0.94 1.68
CA TYR A 171 13.77 2.00 1.23
C TYR A 171 12.92 2.52 2.40
N ALA A 172 12.79 1.72 3.45
CA ALA A 172 12.02 2.14 4.62
C ALA A 172 12.74 3.33 5.26
N ASP A 173 14.08 3.28 5.30
CA ASP A 173 14.87 4.39 5.87
C ASP A 173 14.64 5.65 5.05
N LEU A 174 14.56 5.51 3.74
CA LEU A 174 14.34 6.68 2.89
C LEU A 174 12.92 7.19 3.05
N ALA A 175 11.97 6.28 3.18
CA ALA A 175 10.56 6.64 3.35
C ALA A 175 10.36 7.49 4.59
N VAL A 176 10.99 7.10 5.70
CA VAL A 176 10.88 7.83 6.96
C VAL A 176 11.52 9.21 6.83
N PHE A 177 12.69 9.22 6.20
CA PHE A 177 13.40 10.48 5.98
C PHE A 177 12.55 11.43 5.16
N ASN A 178 12.00 10.90 4.06
CA ASN A 178 11.17 11.72 3.17
C ASN A 178 9.94 12.27 3.90
N LEU A 179 9.28 11.40 4.67
CA LEU A 179 8.10 11.79 5.45
C LEU A 179 8.39 13.04 6.29
N TYR A 180 9.40 12.95 7.14
CA TYR A 180 9.74 14.09 7.98
C TYR A 180 10.31 15.28 7.22
N ASP A 181 10.90 15.03 6.07
CA ASP A 181 11.45 16.12 5.28
C ASP A 181 10.29 16.92 4.70
N ASP A 182 9.21 16.22 4.34
CA ASP A 182 8.04 16.87 3.79
C ASP A 182 7.26 17.58 4.91
N ILE A 183 7.15 16.93 6.06
CA ILE A 183 6.44 17.51 7.20
C ILE A 183 7.15 18.77 7.71
N GLU A 184 8.48 18.76 7.63
CA GLU A 184 9.27 19.90 8.10
C GLU A 184 9.15 21.14 7.21
N THR A 185 8.69 20.97 5.98
CA THR A 185 8.54 22.11 5.10
C THR A 185 7.43 23.02 5.66
N LYS A 186 6.68 22.50 6.63
CA LYS A 186 5.60 23.25 7.25
C LYS A 186 5.75 23.39 8.76
N TYR A 187 6.35 22.37 9.40
CA TYR A 187 6.55 22.40 10.84
C TYR A 187 7.99 21.97 11.14
N PRO A 188 8.95 22.88 10.95
CA PRO A 188 10.40 22.74 11.14
C PRO A 188 10.95 22.05 12.40
N SER A 189 10.47 22.43 13.57
CA SER A 189 10.97 21.85 14.82
C SER A 189 10.22 20.61 15.31
N SER A 190 9.69 19.82 14.37
CA SER A 190 8.95 18.61 14.74
C SER A 190 9.67 17.65 15.69
N LEU A 191 10.52 16.79 15.11
CA LEU A 191 11.24 15.78 15.87
C LEU A 191 12.38 16.23 16.79
N LYS A 192 12.13 17.25 17.61
CA LYS A 192 13.15 17.73 18.54
C LYS A 192 13.23 16.81 19.76
N ASN A 193 12.10 16.19 20.12
CA ASN A 193 12.03 15.30 21.28
C ASN A 193 12.19 13.82 20.95
N PHE A 194 12.75 13.53 19.79
CA PHE A 194 12.95 12.13 19.39
C PHE A 194 14.37 11.98 18.82
N PRO A 195 15.38 12.03 19.70
CA PRO A 195 16.81 11.92 19.35
C PRO A 195 17.18 10.86 18.30
N LEU A 196 16.79 9.62 18.54
CA LEU A 196 17.10 8.56 17.59
C LEU A 196 16.56 8.88 16.21
N LEU A 197 15.26 9.17 16.13
CA LEU A 197 14.63 9.49 14.86
C LEU A 197 15.31 10.68 14.18
N LYS A 198 15.70 11.66 14.98
CA LYS A 198 16.37 12.85 14.46
C LYS A 198 17.76 12.52 13.94
N ALA A 199 18.48 11.70 14.68
CA ALA A 199 19.83 11.32 14.27
C ALA A 199 19.72 10.52 12.98
N HIS A 200 18.72 9.65 12.93
CA HIS A 200 18.48 8.82 11.75
C HIS A 200 18.24 9.67 10.49
N ASN A 201 17.42 10.70 10.60
CA ASN A 201 17.13 11.53 9.44
C ASN A 201 18.34 12.41 9.11
N GLU A 202 19.06 12.85 10.14
CA GLU A 202 20.25 13.66 9.92
C GLU A 202 21.23 12.78 9.13
N PHE A 203 21.37 11.54 9.60
CA PHE A 203 22.26 10.58 8.98
C PHE A 203 21.95 10.37 7.49
N ILE A 204 20.70 10.05 7.19
CA ILE A 204 20.29 9.83 5.80
C ILE A 204 20.56 11.08 4.95
N SER A 205 20.26 12.25 5.48
CA SER A 205 20.46 13.50 4.74
C SER A 205 21.91 13.80 4.37
N ASN A 206 22.86 13.16 5.05
CA ASN A 206 24.27 13.42 4.77
C ASN A 206 24.94 12.41 3.85
N LEU A 207 24.22 11.37 3.47
CA LEU A 207 24.78 10.39 2.55
C LEU A 207 25.09 11.21 1.28
N PRO A 208 26.36 11.24 0.87
CA PRO A 208 26.80 11.99 -0.32
C PRO A 208 25.77 12.11 -1.43
N ASN A 209 25.29 10.98 -1.96
CA ASN A 209 24.31 11.01 -3.03
C ASN A 209 23.01 11.70 -2.66
N ILE A 210 22.59 11.59 -1.40
CA ILE A 210 21.37 12.23 -0.96
C ILE A 210 21.66 13.71 -0.75
N LYS A 211 22.71 14.00 0.03
CA LYS A 211 23.10 15.38 0.32
C LYS A 211 23.19 16.22 -0.94
N ASN A 212 23.84 15.67 -1.97
CA ASN A 212 24.00 16.35 -3.24
C ASN A 212 22.67 16.56 -3.95
N TYR A 213 21.82 15.53 -3.94
CA TYR A 213 20.51 15.62 -4.57
C TYR A 213 19.63 16.70 -3.94
N ILE A 214 19.70 16.82 -2.61
CA ILE A 214 18.88 17.80 -1.89
C ILE A 214 19.27 19.25 -2.12
N THR A 215 20.57 19.55 -2.09
CA THR A 215 21.02 20.91 -2.29
C THR A 215 20.69 21.37 -3.72
N ASN A 216 20.65 20.43 -4.66
CA ASN A 216 20.33 20.78 -6.03
C ASN A 216 18.84 20.73 -6.32
N ARG A 217 18.08 20.15 -5.40
CA ARG A 217 16.63 20.03 -5.57
C ARG A 217 15.95 21.39 -5.44
N LYS A 218 15.08 21.69 -6.40
CA LYS A 218 14.37 22.96 -6.37
C LYS A 218 13.20 22.81 -5.42
N GLU A 219 12.95 23.84 -4.62
CA GLU A 219 11.85 23.81 -3.65
C GLU A 219 10.50 23.89 -4.35
N SER A 220 9.45 23.51 -3.64
CA SER A 220 8.10 23.54 -4.18
C SER A 220 7.07 23.14 -3.14
N VAL A 221 5.86 23.70 -3.26
CA VAL A 221 4.78 23.38 -2.34
C VAL A 221 4.37 21.94 -2.57
N TYR A 222 4.59 21.08 -1.58
CA TYR A 222 4.26 19.67 -1.68
C TYR A 222 5.10 18.98 -2.76
N MET B 12 8.34 -25.22 14.99
CA MET B 12 7.26 -26.19 14.59
C MET B 12 6.07 -25.41 14.02
N GLY B 13 6.37 -24.42 13.17
CA GLY B 13 5.33 -23.62 12.57
C GLY B 13 4.67 -22.65 13.54
N ASP B 14 4.57 -23.06 14.80
CA ASP B 14 3.96 -22.23 15.84
C ASP B 14 2.50 -21.90 15.59
N ASN B 15 1.83 -21.43 16.65
CA ASN B 15 0.42 -21.07 16.59
C ASN B 15 0.20 -19.76 15.84
N ILE B 16 -0.89 -19.69 15.09
CA ILE B 16 -1.23 -18.49 14.32
C ILE B 16 -2.51 -17.86 14.85
N VAL B 17 -2.42 -16.58 15.23
CA VAL B 17 -3.57 -15.85 15.73
C VAL B 17 -3.74 -14.50 15.02
N LEU B 18 -4.95 -14.24 14.55
CA LEU B 18 -5.26 -13.00 13.87
C LEU B 18 -6.14 -12.17 14.80
N TYR B 19 -5.76 -10.91 15.03
CA TYR B 19 -6.54 -10.04 15.91
C TYR B 19 -7.16 -8.89 15.14
N TYR B 20 -8.46 -8.72 15.31
CA TYR B 20 -9.20 -7.64 14.65
C TYR B 20 -10.56 -7.52 15.33
N PHE B 21 -11.35 -6.54 14.89
CA PHE B 21 -12.67 -6.36 15.44
C PHE B 21 -13.57 -7.39 14.77
N ASP B 22 -14.81 -7.48 15.26
CA ASP B 22 -15.77 -8.43 14.70
C ASP B 22 -16.32 -7.83 13.41
N ALA B 23 -15.47 -7.76 12.40
CA ALA B 23 -15.84 -7.21 11.11
C ALA B 23 -14.90 -7.75 10.04
N ARG B 24 -15.24 -7.46 8.79
CA ARG B 24 -14.41 -7.88 7.67
C ARG B 24 -13.30 -6.84 7.50
N GLY B 25 -13.69 -5.65 7.07
CA GLY B 25 -12.75 -4.56 6.88
C GLY B 25 -11.36 -4.88 6.37
N LYS B 26 -10.36 -4.46 7.14
CA LYS B 26 -8.97 -4.66 6.77
C LYS B 26 -8.36 -6.00 7.12
N ALA B 27 -9.20 -6.94 7.58
CA ALA B 27 -8.68 -8.26 7.93
C ALA B 27 -9.22 -9.35 6.99
N GLU B 28 -10.28 -9.02 6.25
CA GLU B 28 -10.90 -10.01 5.38
C GLU B 28 -9.97 -10.59 4.32
N LEU B 29 -9.22 -9.74 3.64
CA LEU B 29 -8.31 -10.26 2.62
C LEU B 29 -7.35 -11.27 3.27
N ILE B 30 -6.88 -10.97 4.48
CA ILE B 30 -5.99 -11.89 5.18
C ILE B 30 -6.73 -13.20 5.47
N ARG B 31 -7.98 -13.10 5.90
CA ARG B 31 -8.78 -14.29 6.15
C ARG B 31 -9.00 -15.07 4.85
N LEU B 32 -9.19 -14.35 3.74
CA LEU B 32 -9.42 -15.00 2.45
C LEU B 32 -8.18 -15.75 2.01
N ILE B 33 -7.01 -15.23 2.36
CA ILE B 33 -5.79 -15.89 1.98
C ILE B 33 -5.64 -17.19 2.78
N PHE B 34 -5.96 -17.15 4.08
CA PHE B 34 -5.88 -18.35 4.91
C PHE B 34 -6.87 -19.41 4.44
N ALA B 35 -8.08 -19.00 4.10
CA ALA B 35 -9.09 -19.94 3.63
C ALA B 35 -8.55 -20.61 2.36
N TYR B 36 -8.11 -19.79 1.41
CA TYR B 36 -7.60 -20.30 0.14
C TYR B 36 -6.44 -21.29 0.28
N LEU B 37 -5.53 -21.01 1.21
CA LEU B 37 -4.39 -21.89 1.43
C LEU B 37 -4.72 -23.04 2.37
N GLY B 38 -5.89 -22.99 2.99
CA GLY B 38 -6.28 -24.04 3.91
C GLY B 38 -5.45 -24.01 5.18
N ILE B 39 -5.16 -22.80 5.68
CA ILE B 39 -4.35 -22.66 6.87
C ILE B 39 -5.20 -22.53 8.14
N GLU B 40 -4.83 -23.30 9.16
CA GLU B 40 -5.52 -23.30 10.44
C GLU B 40 -4.96 -22.16 11.29
N TYR B 41 -5.84 -21.39 11.91
CA TYR B 41 -5.45 -20.27 12.75
C TYR B 41 -6.63 -19.88 13.60
N THR B 42 -6.39 -19.06 14.62
CA THR B 42 -7.46 -18.60 15.49
C THR B 42 -7.89 -17.21 15.04
N ASP B 43 -9.17 -17.06 14.75
CA ASP B 43 -9.73 -15.79 14.31
C ASP B 43 -10.28 -15.04 15.52
N LYS B 44 -9.39 -14.37 16.25
CA LYS B 44 -9.78 -13.62 17.43
C LYS B 44 -10.47 -12.31 17.03
N ARG B 45 -11.71 -12.14 17.45
CA ARG B 45 -12.48 -10.95 17.13
C ARG B 45 -13.01 -10.22 18.35
N PHE B 46 -12.58 -8.98 18.54
CA PHE B 46 -13.03 -8.18 19.67
C PHE B 46 -14.54 -7.92 19.55
N GLY B 47 -15.27 -8.05 20.64
CA GLY B 47 -16.70 -7.82 20.60
C GLY B 47 -17.59 -9.07 20.65
N VAL B 48 -17.05 -10.19 20.22
CA VAL B 48 -17.81 -11.44 20.22
C VAL B 48 -18.02 -11.95 21.64
N ASN B 49 -16.91 -12.22 22.34
CA ASN B 49 -16.96 -12.71 23.71
C ASN B 49 -16.49 -11.60 24.66
N GLY B 50 -17.33 -10.57 24.81
CA GLY B 50 -17.00 -9.45 25.67
C GLY B 50 -17.26 -8.15 24.94
N ASP B 51 -16.84 -7.04 25.52
CA ASP B 51 -17.03 -5.73 24.90
C ASP B 51 -15.81 -5.36 24.04
N ALA B 52 -16.04 -5.11 22.76
CA ALA B 52 -14.98 -4.77 21.83
C ALA B 52 -14.02 -3.70 22.33
N PHE B 53 -14.58 -2.63 22.89
CA PHE B 53 -13.78 -1.51 23.41
C PHE B 53 -12.81 -1.98 24.50
N VAL B 54 -13.32 -2.72 25.47
CA VAL B 54 -12.51 -3.24 26.57
C VAL B 54 -11.51 -4.29 26.10
N GLU B 55 -11.92 -5.11 25.14
CA GLU B 55 -11.04 -6.16 24.64
C GLU B 55 -9.86 -5.53 23.91
N PHE B 56 -10.13 -4.49 23.14
CA PHE B 56 -9.09 -3.81 22.40
C PHE B 56 -8.09 -3.12 23.34
N LYS B 57 -8.59 -2.43 24.37
CA LYS B 57 -7.70 -1.75 25.31
C LYS B 57 -6.80 -2.76 26.00
N ASN B 58 -7.39 -3.87 26.45
CA ASN B 58 -6.60 -4.90 27.11
C ASN B 58 -5.58 -5.46 26.15
N PHE B 59 -6.01 -5.66 24.91
CA PHE B 59 -5.14 -6.19 23.87
C PHE B 59 -3.87 -5.36 23.72
N LYS B 60 -4.01 -4.05 23.66
CA LYS B 60 -2.86 -3.18 23.52
C LYS B 60 -1.92 -3.23 24.73
N LYS B 61 -2.46 -3.60 25.88
CA LYS B 61 -1.64 -3.68 27.09
C LYS B 61 -0.92 -5.02 27.15
N GLU B 62 -1.50 -6.04 26.51
CA GLU B 62 -0.91 -7.37 26.50
C GLU B 62 0.10 -7.56 25.37
N LYS B 63 -0.19 -6.97 24.21
CA LYS B 63 0.70 -7.10 23.06
C LYS B 63 1.46 -5.83 22.73
N ASP B 64 2.72 -5.99 22.36
CA ASP B 64 3.55 -4.86 21.99
C ASP B 64 3.38 -4.62 20.49
N THR B 65 2.35 -3.86 20.12
CA THR B 65 2.11 -3.59 18.71
C THR B 65 2.95 -2.39 18.28
N PRO B 66 3.38 -2.35 17.03
CA PRO B 66 4.19 -1.21 16.59
C PRO B 66 3.43 0.12 16.46
N PHE B 67 2.16 0.06 16.05
CA PHE B 67 1.39 1.29 15.85
C PHE B 67 0.03 1.34 16.55
N GLU B 68 -0.19 0.42 17.48
CA GLU B 68 -1.43 0.37 18.24
C GLU B 68 -2.66 0.22 17.35
N GLN B 69 -2.51 -0.48 16.24
CA GLN B 69 -3.62 -0.71 15.34
C GLN B 69 -3.78 -2.20 15.07
N VAL B 70 -4.94 -2.58 14.57
CA VAL B 70 -5.20 -3.95 14.17
C VAL B 70 -5.58 -3.80 12.70
N PRO B 71 -5.51 -4.87 11.92
CA PRO B 71 -5.11 -6.22 12.30
C PRO B 71 -3.67 -6.42 12.78
N ILE B 72 -3.50 -7.50 13.53
CA ILE B 72 -2.21 -7.93 14.05
C ILE B 72 -2.21 -9.43 13.82
N LEU B 73 -1.12 -9.94 13.25
CA LEU B 73 -1.01 -11.36 13.00
C LEU B 73 0.11 -11.89 13.88
N GLN B 74 -0.24 -12.83 14.75
CA GLN B 74 0.75 -13.41 15.62
C GLN B 74 1.08 -14.81 15.14
N ILE B 75 2.36 -15.05 14.86
CA ILE B 75 2.85 -16.34 14.40
C ILE B 75 3.90 -16.73 15.44
N GLY B 76 3.55 -17.67 16.30
CA GLY B 76 4.48 -18.04 17.34
C GLY B 76 4.59 -16.82 18.24
N ASP B 77 5.78 -16.26 18.38
CA ASP B 77 5.97 -15.08 19.20
C ASP B 77 6.07 -13.83 18.31
N LEU B 78 6.01 -14.05 17.00
CA LEU B 78 6.09 -12.97 16.03
C LEU B 78 4.81 -12.16 15.93
N ILE B 79 4.97 -10.85 16.05
CA ILE B 79 3.84 -9.93 15.94
C ILE B 79 3.98 -9.21 14.62
N LEU B 80 2.98 -9.33 13.76
CA LEU B 80 3.01 -8.67 12.46
C LEU B 80 1.88 -7.64 12.35
N ALA B 81 2.21 -6.41 11.97
CA ALA B 81 1.22 -5.34 11.83
C ALA B 81 1.16 -4.84 10.39
N GLN B 82 0.10 -4.08 10.09
CA GLN B 82 -0.13 -3.49 8.77
C GLN B 82 -0.61 -4.57 7.79
N SER B 83 -1.93 -4.59 7.54
CA SER B 83 -2.55 -5.59 6.68
C SER B 83 -1.91 -5.80 5.32
N GLN B 84 -1.53 -4.71 4.66
CA GLN B 84 -0.91 -4.82 3.36
C GLN B 84 0.42 -5.56 3.40
N ALA B 85 1.26 -5.24 4.39
CA ALA B 85 2.54 -5.90 4.53
C ALA B 85 2.31 -7.37 4.86
N ILE B 86 1.37 -7.65 5.76
CA ILE B 86 1.05 -9.01 6.13
C ILE B 86 0.62 -9.80 4.88
N VAL B 87 -0.24 -9.19 4.08
CA VAL B 87 -0.73 -9.80 2.86
C VAL B 87 0.40 -10.15 1.91
N ARG B 88 1.31 -9.21 1.68
CA ARG B 88 2.42 -9.48 0.79
C ARG B 88 3.33 -10.54 1.41
N TYR B 89 3.53 -10.47 2.72
CA TYR B 89 4.38 -11.46 3.37
C TYR B 89 3.77 -12.86 3.17
N LEU B 90 2.49 -13.02 3.49
CA LEU B 90 1.85 -14.32 3.32
C LEU B 90 1.88 -14.78 1.86
N SER B 91 1.69 -13.85 0.93
CA SER B 91 1.72 -14.22 -0.48
C SER B 91 3.07 -14.77 -0.95
N LYS B 92 4.18 -14.21 -0.48
CA LYS B 92 5.48 -14.72 -0.87
C LYS B 92 5.70 -16.10 -0.26
N LYS B 93 5.42 -16.20 1.03
CA LYS B 93 5.60 -17.44 1.76
C LYS B 93 4.76 -18.62 1.25
N TYR B 94 3.57 -18.34 0.72
CA TYR B 94 2.73 -19.41 0.22
C TYR B 94 2.55 -19.39 -1.28
N ASN B 95 3.46 -18.66 -1.93
CA ASN B 95 3.50 -18.54 -3.37
C ASN B 95 2.24 -18.22 -4.17
N ILE B 96 1.61 -17.09 -3.85
CA ILE B 96 0.45 -16.63 -4.59
C ILE B 96 0.74 -15.16 -4.87
N CYS B 97 2.03 -14.90 -5.07
CA CYS B 97 2.55 -13.58 -5.36
C CYS B 97 2.82 -13.33 -6.85
N GLY B 98 3.13 -14.39 -7.59
CA GLY B 98 3.42 -14.21 -9.01
C GLY B 98 4.80 -14.76 -9.31
N GLU B 99 4.88 -15.61 -10.33
CA GLU B 99 6.12 -16.26 -10.73
C GLU B 99 7.29 -15.40 -11.19
N SER B 100 7.10 -14.10 -11.35
CA SER B 100 8.17 -13.22 -11.80
C SER B 100 8.21 -11.96 -10.96
N GLU B 101 9.36 -11.30 -10.94
CA GLU B 101 9.46 -10.06 -10.19
C GLU B 101 8.55 -9.05 -10.89
N LEU B 102 8.42 -9.22 -12.21
CA LEU B 102 7.57 -8.35 -13.01
C LEU B 102 6.09 -8.65 -12.79
N ASN B 103 5.73 -9.92 -12.65
CA ASN B 103 4.33 -10.28 -12.41
C ASN B 103 3.97 -9.95 -10.96
N GLU B 104 4.97 -9.94 -10.09
CA GLU B 104 4.73 -9.59 -8.70
C GLU B 104 4.46 -8.10 -8.69
N PHE B 105 5.18 -7.35 -9.52
CA PHE B 105 4.94 -5.91 -9.58
C PHE B 105 3.50 -5.66 -10.02
N TYR B 106 3.07 -6.34 -11.09
CA TYR B 106 1.72 -6.16 -11.59
C TYR B 106 0.66 -6.50 -10.53
N ALA B 107 0.88 -7.58 -9.79
CA ALA B 107 -0.09 -7.97 -8.76
C ALA B 107 -0.12 -6.88 -7.67
N ASP B 108 1.04 -6.30 -7.40
CA ASP B 108 1.18 -5.26 -6.39
C ASP B 108 0.44 -4.02 -6.87
N MET B 109 0.70 -3.65 -8.11
CA MET B 109 0.09 -2.47 -8.69
C MET B 109 -1.44 -2.56 -8.67
N ILE B 110 -1.97 -3.74 -8.99
CA ILE B 110 -3.41 -3.93 -9.01
C ILE B 110 -3.95 -3.84 -7.59
N PHE B 111 -3.22 -4.44 -6.64
CA PHE B 111 -3.65 -4.39 -5.25
C PHE B 111 -3.72 -2.94 -4.80
N CYS B 112 -2.72 -2.14 -5.19
CA CYS B 112 -2.70 -0.72 -4.84
C CYS B 112 -3.91 -0.02 -5.46
N GLY B 113 -4.27 -0.42 -6.67
CA GLY B 113 -5.42 0.16 -7.33
C GLY B 113 -6.68 -0.18 -6.54
N VAL B 114 -6.78 -1.42 -6.09
CA VAL B 114 -7.94 -1.85 -5.30
C VAL B 114 -8.04 -0.94 -4.09
N GLN B 115 -6.90 -0.51 -3.59
CA GLN B 115 -6.85 0.36 -2.42
C GLN B 115 -7.45 1.73 -2.69
N ASP B 116 -7.12 2.31 -3.84
CA ASP B 116 -7.65 3.62 -4.17
C ASP B 116 -9.19 3.62 -4.23
N ILE B 117 -9.78 2.65 -4.91
CA ILE B 117 -11.24 2.61 -5.04
C ILE B 117 -11.93 2.15 -3.76
N HIS B 118 -11.33 1.21 -3.03
CA HIS B 118 -11.91 0.72 -1.78
C HIS B 118 -12.01 1.84 -0.75
N TYR B 119 -10.96 2.66 -0.69
CA TYR B 119 -10.93 3.79 0.22
C TYR B 119 -12.12 4.69 -0.06
N LYS B 120 -12.44 4.87 -1.33
CA LYS B 120 -13.56 5.71 -1.73
C LYS B 120 -14.89 5.07 -1.33
N PHE B 121 -14.98 3.76 -1.44
CA PHE B 121 -16.21 3.07 -1.06
C PHE B 121 -16.38 3.25 0.45
N ASN B 122 -15.31 3.04 1.20
CA ASN B 122 -15.37 3.18 2.65
C ASN B 122 -15.88 4.55 3.07
N ASN B 123 -15.42 5.60 2.40
CA ASN B 123 -15.87 6.95 2.74
C ASN B 123 -17.37 7.14 2.58
N THR B 124 -17.96 6.38 1.67
CA THR B 124 -19.39 6.46 1.42
C THR B 124 -20.21 5.53 2.31
N ASN B 125 -19.90 4.24 2.22
CA ASN B 125 -20.59 3.22 2.99
C ASN B 125 -20.43 3.29 4.51
N LEU B 126 -19.31 3.85 4.97
CA LEU B 126 -19.07 3.93 6.40
C LEU B 126 -19.09 5.34 7.01
N PHE B 127 -18.40 6.28 6.38
CA PHE B 127 -18.31 7.63 6.91
C PHE B 127 -19.33 8.63 6.38
N LYS B 128 -20.42 8.12 5.83
CA LYS B 128 -21.52 8.94 5.31
C LYS B 128 -21.17 9.98 4.23
N GLN B 129 -20.30 9.63 3.29
CA GLN B 129 -19.95 10.57 2.23
C GLN B 129 -20.85 10.35 1.01
N ASN B 130 -21.21 11.44 0.34
CA ASN B 130 -22.06 11.43 -0.84
C ASN B 130 -21.86 10.17 -1.68
N GLU B 131 -22.86 9.30 -1.70
CA GLU B 131 -22.76 8.07 -2.47
C GLU B 131 -22.85 8.35 -3.97
N THR B 132 -23.57 9.40 -4.33
CA THR B 132 -23.76 9.77 -5.74
C THR B 132 -22.45 9.88 -6.52
N THR B 133 -21.48 10.60 -5.98
CA THR B 133 -20.19 10.75 -6.67
C THR B 133 -19.52 9.39 -6.82
N PHE B 134 -19.68 8.55 -5.81
CA PHE B 134 -19.08 7.22 -5.85
C PHE B 134 -19.74 6.39 -6.93
N LEU B 135 -21.05 6.34 -6.91
CA LEU B 135 -21.80 5.54 -7.88
C LEU B 135 -21.76 6.04 -9.33
N ASN B 136 -21.64 7.34 -9.52
CA ASN B 136 -21.64 7.89 -10.87
C ASN B 136 -20.30 8.24 -11.48
N GLU B 137 -19.27 8.42 -10.64
CA GLU B 137 -17.97 8.79 -11.17
C GLU B 137 -16.84 7.83 -10.82
N ASP B 138 -16.78 7.39 -9.57
CA ASP B 138 -15.71 6.50 -9.15
C ASP B 138 -15.92 5.03 -9.49
N LEU B 139 -17.07 4.48 -9.11
CA LEU B 139 -17.32 3.07 -9.35
C LEU B 139 -17.29 2.66 -10.83
N PRO B 140 -18.05 3.32 -11.68
CA PRO B 140 -18.04 2.93 -13.10
C PRO B 140 -16.65 3.06 -13.72
N LYS B 141 -15.93 4.12 -13.35
CA LYS B 141 -14.59 4.35 -13.87
C LYS B 141 -13.58 3.28 -13.47
N TRP B 142 -13.44 3.04 -12.17
CA TRP B 142 -12.50 2.04 -11.70
C TRP B 142 -12.88 0.63 -12.14
N SER B 143 -14.17 0.36 -12.28
CA SER B 143 -14.58 -0.96 -12.75
C SER B 143 -14.04 -1.12 -14.17
N GLY B 144 -14.11 -0.05 -14.95
CA GLY B 144 -13.60 -0.10 -16.30
C GLY B 144 -12.11 -0.39 -16.31
N TYR B 145 -11.37 0.18 -15.36
CA TYR B 145 -9.93 -0.07 -15.32
C TYR B 145 -9.62 -1.55 -15.12
N PHE B 146 -10.27 -2.18 -14.15
CA PHE B 146 -10.06 -3.60 -13.86
C PHE B 146 -10.53 -4.49 -15.01
N GLU B 147 -11.68 -4.15 -15.60
CA GLU B 147 -12.22 -4.90 -16.72
C GLU B 147 -11.15 -4.94 -17.82
N LYS B 148 -10.57 -3.78 -18.08
CA LYS B 148 -9.54 -3.63 -19.11
C LYS B 148 -8.27 -4.42 -18.79
N LEU B 149 -7.83 -4.40 -17.53
CA LEU B 149 -6.63 -5.14 -17.14
C LEU B 149 -6.90 -6.64 -17.26
N LEU B 150 -8.13 -7.03 -17.00
CA LEU B 150 -8.54 -8.42 -17.07
C LEU B 150 -8.62 -8.85 -18.54
N LYS B 151 -9.05 -7.92 -19.38
CA LYS B 151 -9.17 -8.19 -20.81
C LYS B 151 -7.80 -8.44 -21.44
N LYS B 152 -6.79 -7.72 -20.97
CA LYS B 152 -5.43 -7.87 -21.48
C LYS B 152 -4.82 -9.23 -21.17
N ASN B 153 -5.13 -9.77 -20.00
CA ASN B 153 -4.57 -11.06 -19.59
C ASN B 153 -5.51 -12.24 -19.80
N HIS B 154 -6.53 -12.08 -20.66
CA HIS B 154 -7.49 -13.16 -20.87
C HIS B 154 -7.76 -13.52 -22.34
N THR B 155 -8.70 -14.45 -22.52
CA THR B 155 -9.11 -14.95 -23.84
C THR B 155 -8.02 -15.77 -24.49
N ASN B 156 -6.88 -15.12 -24.75
CA ASN B 156 -5.74 -15.78 -25.36
C ASN B 156 -4.68 -16.07 -24.30
N ASN B 157 -5.15 -16.37 -23.10
CA ASN B 157 -4.30 -16.70 -21.97
C ASN B 157 -5.01 -17.74 -21.11
N ASN B 158 -6.33 -17.57 -20.98
CA ASN B 158 -7.15 -18.48 -20.19
C ASN B 158 -8.55 -18.62 -20.79
N ASN B 159 -9.34 -19.57 -20.29
CA ASN B 159 -10.69 -19.79 -20.80
C ASN B 159 -11.76 -19.61 -19.73
N ASP B 160 -12.05 -20.69 -19.00
CA ASP B 160 -13.06 -20.67 -17.94
C ASP B 160 -12.46 -20.06 -16.68
N LYS B 161 -11.14 -19.93 -16.69
CA LYS B 161 -10.39 -19.37 -15.56
C LYS B 161 -9.99 -17.92 -15.84
N TYR B 162 -10.12 -17.06 -14.84
CA TYR B 162 -9.77 -15.66 -15.00
C TYR B 162 -8.77 -15.17 -13.96
N TYR B 163 -7.60 -14.74 -14.40
CA TYR B 163 -6.58 -14.23 -13.48
C TYR B 163 -6.09 -12.88 -13.97
N PHE B 164 -5.80 -11.98 -13.05
CA PHE B 164 -5.30 -10.67 -13.42
C PHE B 164 -3.84 -10.73 -13.77
N VAL B 165 -3.11 -11.69 -13.19
CA VAL B 165 -1.67 -11.80 -13.44
C VAL B 165 -1.21 -13.22 -13.74
N GLY B 166 -0.53 -13.38 -14.87
CA GLY B 166 -0.04 -14.70 -15.26
C GLY B 166 -1.16 -15.68 -15.52
N ASN B 167 -0.92 -16.94 -15.24
CA ASN B 167 -1.89 -18.00 -15.46
C ASN B 167 -2.23 -18.72 -14.17
N ASN B 168 -2.00 -18.05 -13.04
CA ASN B 168 -2.29 -18.63 -11.75
C ASN B 168 -2.84 -17.59 -10.78
N LEU B 169 -3.52 -18.08 -9.74
CA LEU B 169 -4.12 -17.23 -8.74
C LEU B 169 -3.06 -16.44 -7.97
N THR B 170 -3.30 -15.15 -7.79
CA THR B 170 -2.40 -14.32 -7.00
C THR B 170 -3.31 -13.60 -5.99
N TYR B 171 -2.72 -13.01 -4.97
CA TYR B 171 -3.50 -12.30 -3.98
C TYR B 171 -4.26 -11.14 -4.62
N ALA B 172 -3.82 -10.70 -5.80
CA ALA B 172 -4.51 -9.62 -6.49
C ALA B 172 -5.92 -10.07 -6.89
N ASP B 173 -6.08 -11.34 -7.28
CA ASP B 173 -7.40 -11.86 -7.64
C ASP B 173 -8.27 -11.88 -6.40
N LEU B 174 -7.66 -12.18 -5.26
CA LEU B 174 -8.38 -12.22 -4.00
C LEU B 174 -8.77 -10.81 -3.57
N ALA B 175 -7.89 -9.85 -3.82
CA ALA B 175 -8.16 -8.46 -3.47
C ALA B 175 -9.31 -7.87 -4.29
N VAL B 176 -9.31 -8.16 -5.60
CA VAL B 176 -10.38 -7.63 -6.45
C VAL B 176 -11.70 -8.32 -6.11
N PHE B 177 -11.64 -9.60 -5.77
CA PHE B 177 -12.85 -10.30 -5.40
C PHE B 177 -13.41 -9.69 -4.12
N ASN B 178 -12.54 -9.50 -3.13
CA ASN B 178 -12.94 -8.94 -1.85
C ASN B 178 -13.53 -7.54 -2.02
N LEU B 179 -12.92 -6.76 -2.90
CA LEU B 179 -13.40 -5.39 -3.14
C LEU B 179 -14.85 -5.39 -3.60
N TYR B 180 -15.14 -6.17 -4.65
CA TYR B 180 -16.49 -6.19 -5.17
C TYR B 180 -17.46 -6.99 -4.34
N ASP B 181 -16.95 -7.92 -3.53
CA ASP B 181 -17.84 -8.68 -2.68
C ASP B 181 -18.40 -7.71 -1.64
N ASP B 182 -17.55 -6.80 -1.20
CA ASP B 182 -17.91 -5.81 -0.21
C ASP B 182 -18.82 -4.73 -0.79
N ILE B 183 -18.46 -4.22 -1.97
CA ILE B 183 -19.25 -3.18 -2.62
C ILE B 183 -20.68 -3.64 -2.93
N GLU B 184 -20.83 -4.94 -3.17
CA GLU B 184 -22.13 -5.50 -3.48
C GLU B 184 -23.04 -5.71 -2.28
N THR B 185 -22.47 -5.69 -1.07
CA THR B 185 -23.30 -5.86 0.13
C THR B 185 -24.08 -4.56 0.28
N LYS B 186 -23.77 -3.59 -0.59
CA LYS B 186 -24.43 -2.30 -0.56
C LYS B 186 -25.08 -1.96 -1.90
N TYR B 187 -24.42 -2.37 -2.99
CA TYR B 187 -24.93 -2.11 -4.35
C TYR B 187 -24.82 -3.37 -5.18
N PRO B 188 -25.65 -4.38 -4.88
CA PRO B 188 -25.71 -5.68 -5.55
C PRO B 188 -25.67 -5.72 -7.08
N SER B 189 -26.01 -4.62 -7.74
CA SER B 189 -26.02 -4.61 -9.20
C SER B 189 -24.78 -4.00 -9.87
N SER B 190 -23.79 -3.63 -9.06
CA SER B 190 -22.58 -3.00 -9.57
C SER B 190 -21.87 -3.60 -10.79
N LEU B 191 -21.79 -4.93 -10.91
CA LEU B 191 -21.08 -5.56 -12.04
C LEU B 191 -21.92 -5.98 -13.25
N LYS B 192 -23.08 -5.36 -13.43
CA LYS B 192 -23.95 -5.71 -14.55
C LYS B 192 -23.31 -5.44 -15.92
N ASN B 193 -22.57 -4.34 -16.03
CA ASN B 193 -21.93 -3.96 -17.28
C ASN B 193 -20.45 -4.34 -17.39
N PHE B 194 -19.99 -5.25 -16.53
CA PHE B 194 -18.59 -5.66 -16.57
C PHE B 194 -18.51 -7.18 -16.53
N PRO B 195 -18.76 -7.83 -17.68
CA PRO B 195 -18.75 -9.28 -17.91
C PRO B 195 -17.52 -10.00 -17.38
N LEU B 196 -16.33 -9.57 -17.79
CA LEU B 196 -15.10 -10.21 -17.34
C LEU B 196 -14.92 -10.12 -15.84
N LEU B 197 -15.18 -8.93 -15.29
CA LEU B 197 -15.05 -8.71 -13.86
C LEU B 197 -16.05 -9.60 -13.13
N LYS B 198 -17.26 -9.71 -13.68
CA LYS B 198 -18.32 -10.54 -13.09
C LYS B 198 -17.96 -12.03 -13.15
N ALA B 199 -17.41 -12.47 -14.28
CA ALA B 199 -17.05 -13.87 -14.42
C ALA B 199 -15.88 -14.19 -13.50
N HIS B 200 -14.98 -13.21 -13.34
CA HIS B 200 -13.82 -13.37 -12.48
C HIS B 200 -14.23 -13.55 -11.01
N ASN B 201 -15.14 -12.72 -10.53
CA ASN B 201 -15.55 -12.85 -9.15
C ASN B 201 -16.32 -14.14 -8.90
N GLU B 202 -17.08 -14.57 -9.91
CA GLU B 202 -17.84 -15.81 -9.80
C GLU B 202 -16.82 -16.95 -9.70
N PHE B 203 -15.78 -16.85 -10.51
CA PHE B 203 -14.71 -17.83 -10.56
C PHE B 203 -14.00 -17.94 -9.21
N ILE B 204 -13.62 -16.81 -8.63
CA ILE B 204 -12.96 -16.84 -7.34
C ILE B 204 -13.88 -17.40 -6.26
N SER B 205 -15.14 -16.97 -6.29
CA SER B 205 -16.11 -17.44 -5.29
C SER B 205 -16.34 -18.95 -5.31
N ASN B 206 -16.13 -19.60 -6.45
CA ASN B 206 -16.36 -21.04 -6.53
C ASN B 206 -15.15 -21.94 -6.27
N LEU B 207 -13.99 -21.36 -5.97
CA LEU B 207 -12.83 -22.17 -5.64
C LEU B 207 -13.21 -22.85 -4.32
N PRO B 208 -13.10 -24.18 -4.23
CA PRO B 208 -13.46 -24.95 -3.03
C PRO B 208 -13.16 -24.28 -1.69
N ASN B 209 -11.87 -24.04 -1.41
CA ASN B 209 -11.48 -23.41 -0.15
C ASN B 209 -12.18 -22.07 0.07
N ILE B 210 -12.33 -21.28 -1.00
CA ILE B 210 -12.98 -19.99 -0.85
C ILE B 210 -14.48 -20.17 -0.64
N LYS B 211 -15.10 -21.05 -1.41
CA LYS B 211 -16.54 -21.31 -1.29
C LYS B 211 -16.91 -21.76 0.12
N ASN B 212 -16.10 -22.66 0.68
CA ASN B 212 -16.31 -23.20 2.02
C ASN B 212 -16.20 -22.14 3.12
N TYR B 213 -15.43 -21.09 2.86
CA TYR B 213 -15.28 -20.01 3.84
C TYR B 213 -16.39 -18.96 3.74
N ILE B 214 -16.75 -18.58 2.52
CA ILE B 214 -17.79 -17.59 2.28
C ILE B 214 -19.16 -18.02 2.79
N THR B 215 -19.56 -19.23 2.40
CA THR B 215 -20.86 -19.76 2.80
C THR B 215 -20.99 -19.96 4.32
N ASN B 216 -19.88 -20.15 5.01
CA ASN B 216 -19.92 -20.35 6.46
C ASN B 216 -19.42 -19.13 7.23
N ARG B 217 -19.32 -18.01 6.53
CA ARG B 217 -18.86 -16.75 7.11
C ARG B 217 -20.06 -15.98 7.67
N LYS B 218 -19.91 -15.40 8.85
CA LYS B 218 -21.02 -14.65 9.46
C LYS B 218 -21.16 -13.32 8.73
N GLU B 219 -22.40 -12.85 8.58
CA GLU B 219 -22.63 -11.59 7.91
C GLU B 219 -22.02 -10.47 8.76
N SER B 220 -21.55 -9.42 8.09
CA SER B 220 -20.91 -8.32 8.79
C SER B 220 -21.50 -6.95 8.44
N VAL B 221 -21.18 -5.95 9.26
CA VAL B 221 -21.64 -4.59 9.05
C VAL B 221 -20.68 -3.89 8.08
N TYR B 222 -19.43 -4.32 8.10
CA TYR B 222 -18.40 -3.77 7.20
C TYR B 222 -17.20 -4.70 7.13
#